data_3N6Z
#
_entry.id   3N6Z
#
_cell.length_a   75.679
_cell.length_b   75.679
_cell.length_c   132.101
_cell.angle_alpha   90.000
_cell.angle_beta   90.000
_cell.angle_gamma   90.000
#
_symmetry.space_group_name_H-M   'P 43 21 2'
#
loop_
_entity.id
_entity.type
_entity.pdbx_description
1 polymer 'putative immunoglobulin A1 protease'
2 non-polymer 'SULFATE ION'
3 non-polymer GLYCEROL
4 water water
#
_entity_poly.entity_id   1
_entity_poly.type   'polypeptide(L)'
_entity_poly.pdbx_seq_one_letter_code
;GISCSDPNPLDSYTRVPFEKTETDDGNGDGDGDGAGGLFEKGNGTDSKPY(MSE)I(MSE)NATQIRN(MSE)RSVLKSG
(MSE)KVYFQLGADID(MSE)AGIDDWQSLNGSGDFPYEIDFDGDSHVIKNFKCSAGDYPSFFGVLCGDCRNVGFVNASV
SSARQGIGIITGYLGLKDKGNGNKTGRIVNCYTTGEVIGSGAAGGIAGVLANSYDGQESYIKNCYSNATVSDRAASGGKA
GGIAGRKVGVGGFIENCYAYGAVSATKGGVGGILGQIDKSCDIAIKNSAAWSNLTGVDASSTVGRIVGVSASLGSYENCY
ACESIVLKVNEKTITASDESSATGTTFHGVAKSAEELGNIIVAWNPNLWKKGTNGYPIFQWSE
;
_entity_poly.pdbx_strand_id   A
#
# COMPACT_ATOMS: atom_id res chain seq x y z
N ASP A 11 -1.02 6.48 -31.75
CA ASP A 11 -1.33 5.10 -32.22
CA ASP A 11 -1.25 5.08 -32.24
C ASP A 11 -1.08 4.09 -31.08
N SER A 12 -2.05 3.19 -30.86
CA SER A 12 -1.99 2.22 -29.73
CA SER A 12 -1.97 2.22 -29.74
C SER A 12 -0.83 1.24 -29.88
N TYR A 13 -0.17 0.91 -28.76
CA TYR A 13 0.75 -0.24 -28.74
C TYR A 13 0.08 -1.57 -28.49
N THR A 14 -1.20 -1.54 -28.10
CA THR A 14 -1.99 -2.76 -27.84
C THR A 14 -2.96 -3.02 -29.02
N ARG A 15 -3.70 -4.13 -28.92
CA ARG A 15 -4.69 -4.50 -29.95
CA ARG A 15 -4.69 -4.52 -29.95
C ARG A 15 -6.01 -3.71 -29.89
N VAL A 16 -6.18 -2.87 -28.86
CA VAL A 16 -7.37 -2.00 -28.74
C VAL A 16 -6.88 -0.57 -28.91
N PRO A 17 -7.44 0.20 -29.90
CA PRO A 17 -8.58 -0.20 -30.79
C PRO A 17 -8.17 -1.12 -31.96
N GLY A 32 -11.51 11.56 -31.61
CA GLY A 32 -12.45 10.49 -31.25
C GLY A 32 -12.42 10.21 -29.76
N ASP A 33 -13.59 9.89 -29.22
CA ASP A 33 -13.75 9.71 -27.76
C ASP A 33 -12.91 8.51 -27.31
N GLY A 34 -12.54 8.50 -26.03
CA GLY A 34 -11.66 7.44 -25.50
C GLY A 34 -10.24 7.45 -26.10
N ALA A 35 -9.73 8.64 -26.42
CA ALA A 35 -8.41 8.79 -27.05
C ALA A 35 -8.37 7.93 -28.34
N GLY A 36 -9.40 8.08 -29.17
CA GLY A 36 -9.46 7.39 -30.45
C GLY A 36 -9.64 5.89 -30.30
N GLY A 37 -10.32 5.46 -29.25
CA GLY A 37 -10.61 4.06 -29.05
C GLY A 37 -9.66 3.28 -28.15
N LEU A 38 -8.65 3.93 -27.61
CA LEU A 38 -7.80 3.28 -26.60
C LEU A 38 -8.58 2.93 -25.34
N PHE A 39 -9.67 3.65 -25.08
CA PHE A 39 -10.56 3.44 -23.92
C PHE A 39 -12.00 3.39 -24.43
N GLU A 40 -12.90 2.95 -23.57
CA GLU A 40 -14.32 2.86 -23.93
CA GLU A 40 -14.31 2.86 -23.93
C GLU A 40 -14.88 4.25 -24.25
N LYS A 41 -14.47 5.23 -23.46
CA LYS A 41 -14.91 6.62 -23.60
C LYS A 41 -14.00 7.50 -22.73
N GLY A 42 -14.19 8.80 -22.81
CA GLY A 42 -13.48 9.78 -21.98
C GLY A 42 -12.28 10.42 -22.65
N ASN A 43 -11.79 11.48 -22.01
CA ASN A 43 -10.62 12.25 -22.49
C ASN A 43 -9.60 12.52 -21.39
N GLY A 44 -9.72 11.80 -20.26
CA GLY A 44 -8.77 11.94 -19.17
C GLY A 44 -8.95 13.14 -18.27
N THR A 45 -10.14 13.74 -18.29
CA THR A 45 -10.45 14.86 -17.41
C THR A 45 -11.38 14.44 -16.28
N ASP A 46 -11.58 15.31 -15.29
CA ASP A 46 -12.43 15.01 -14.16
C ASP A 46 -13.86 14.71 -14.65
N SER A 47 -14.36 15.48 -15.62
CA SER A 47 -15.73 15.25 -16.08
C SER A 47 -15.84 14.07 -17.06
N LYS A 48 -14.74 13.71 -17.74
CA LYS A 48 -14.73 12.61 -18.72
C LYS A 48 -13.49 11.72 -18.49
N PRO A 49 -13.48 10.97 -17.37
CA PRO A 49 -12.31 10.11 -17.14
C PRO A 49 -12.19 9.04 -18.22
N TYR A 50 -10.97 8.64 -18.53
CA TYR A 50 -10.78 7.50 -19.42
C TYR A 50 -11.36 6.25 -18.74
N ILE A 52 -12.15 2.32 -18.43
CA ILE A 52 -11.39 1.10 -18.68
C ILE A 52 -12.29 -0.11 -18.47
N ASN A 54 -11.42 -3.48 -19.91
CA ASN A 54 -10.69 -4.74 -20.03
C ASN A 54 -9.20 -4.49 -19.87
N ALA A 55 -8.39 -5.54 -19.88
CA ALA A 55 -6.95 -5.42 -19.63
C ALA A 55 -6.19 -4.79 -20.78
N THR A 56 -6.72 -4.87 -21.98
CA THR A 56 -6.04 -4.23 -23.10
C THR A 56 -6.13 -2.70 -22.89
N GLN A 57 -7.30 -2.24 -22.48
CA GLN A 57 -7.47 -0.83 -22.15
C GLN A 57 -6.62 -0.39 -20.95
N ILE A 58 -6.51 -1.22 -19.92
CA ILE A 58 -5.68 -0.85 -18.80
C ILE A 58 -4.21 -0.70 -19.23
N ARG A 59 -3.79 -1.48 -20.22
CA ARG A 59 -2.45 -1.36 -20.79
C ARG A 59 -2.26 -0.11 -21.66
N ASN A 60 -3.33 0.60 -21.98
CA ASN A 60 -3.25 1.87 -22.71
C ASN A 60 -3.06 3.07 -21.80
N ARG A 62 -0.61 4.00 -19.95
CA ARG A 62 0.71 4.63 -20.09
C ARG A 62 0.81 5.54 -21.30
N SER A 63 0.01 5.26 -22.33
CA SER A 63 0.07 6.00 -23.61
CA SER A 63 0.11 6.01 -23.59
C SER A 63 -0.60 7.37 -23.51
N VAL A 64 -1.42 7.59 -22.49
CA VAL A 64 -2.22 8.84 -22.40
C VAL A 64 -1.89 9.69 -21.17
N LEU A 65 -0.86 9.30 -20.42
CA LEU A 65 -0.33 10.13 -19.32
C LEU A 65 0.24 11.44 -19.89
N LYS A 66 0.19 12.50 -19.11
CA LYS A 66 0.63 13.84 -19.51
C LYS A 66 1.53 14.45 -18.44
N SER A 67 2.73 14.83 -18.84
N SER A 67 2.72 14.86 -18.85
CA SER A 67 3.70 15.42 -17.91
CA SER A 67 3.72 15.41 -17.94
C SER A 67 3.25 16.77 -17.32
C SER A 67 3.21 16.68 -17.25
N GLY A 68 2.41 17.48 -18.05
N GLY A 68 3.48 16.80 -15.95
CA GLY A 68 1.92 18.81 -17.64
CA GLY A 68 3.01 17.95 -15.18
C GLY A 68 0.64 18.89 -16.81
C GLY A 68 1.61 17.77 -14.63
N LYS A 70 -2.55 16.32 -14.41
CA LYS A 70 -3.14 15.09 -13.91
C LYS A 70 -4.12 14.52 -14.90
N VAL A 71 -4.05 13.21 -15.09
CA VAL A 71 -4.94 12.50 -16.00
C VAL A 71 -5.82 11.55 -15.17
N TYR A 72 -7.11 11.51 -15.52
CA TYR A 72 -8.17 10.83 -14.79
C TYR A 72 -8.58 9.54 -15.51
N PHE A 73 -8.69 8.48 -14.73
CA PHE A 73 -9.06 7.15 -15.17
C PHE A 73 -10.12 6.59 -14.24
N GLN A 74 -10.97 5.73 -14.79
CA GLN A 74 -12.00 5.03 -14.02
C GLN A 74 -12.19 3.61 -14.56
N LEU A 75 -12.35 2.66 -13.66
CA LEU A 75 -12.76 1.31 -14.09
C LEU A 75 -14.27 1.25 -14.25
N GLY A 76 -14.71 0.64 -15.33
CA GLY A 76 -16.14 0.36 -15.59
C GLY A 76 -16.50 -1.10 -15.46
N ALA A 77 -15.53 -1.92 -15.10
CA ALA A 77 -15.68 -3.38 -14.92
C ALA A 77 -14.50 -3.88 -14.11
N ASP A 78 -14.61 -5.09 -13.57
CA ASP A 78 -13.44 -5.77 -13.04
C ASP A 78 -12.49 -6.06 -14.21
N ILE A 79 -11.20 -6.05 -13.93
CA ILE A 79 -10.16 -6.21 -14.93
C ILE A 79 -9.29 -7.39 -14.54
N ASP A 80 -9.22 -8.39 -15.39
CA ASP A 80 -8.36 -9.55 -15.11
C ASP A 80 -7.14 -9.44 -16.03
N ALA A 82 -4.56 -11.47 -16.22
CA ALA A 82 -3.90 -12.74 -16.51
C ALA A 82 -3.29 -12.70 -17.90
N GLY A 83 -2.08 -13.24 -18.03
CA GLY A 83 -1.41 -13.30 -19.30
C GLY A 83 -0.72 -12.05 -19.74
N ILE A 84 -0.77 -11.00 -18.92
CA ILE A 84 -0.11 -9.71 -19.22
CA ILE A 84 -0.10 -9.74 -19.24
C ILE A 84 1.28 -9.72 -18.60
N ASP A 85 2.30 -9.68 -19.47
CA ASP A 85 3.72 -9.74 -19.10
CA ASP A 85 3.69 -9.71 -19.01
C ASP A 85 4.45 -8.41 -19.25
N ASP A 86 3.81 -7.42 -19.84
CA ASP A 86 4.53 -6.19 -20.25
C ASP A 86 4.33 -4.98 -19.36
N TRP A 87 3.79 -5.17 -18.14
CA TRP A 87 3.59 -4.00 -17.29
C TRP A 87 4.90 -3.51 -16.72
N GLN A 88 5.12 -2.21 -16.84
CA GLN A 88 6.04 -1.52 -15.96
C GLN A 88 5.24 -0.37 -15.34
N SER A 89 5.64 0.04 -14.15
CA SER A 89 4.84 0.98 -13.38
C SER A 89 4.56 2.27 -14.15
N LEU A 90 3.38 2.83 -13.94
CA LEU A 90 2.94 3.97 -14.75
C LEU A 90 3.83 5.19 -14.61
N ASN A 91 4.26 5.45 -13.37
CA ASN A 91 5.00 6.69 -13.09
C ASN A 91 6.28 6.46 -12.30
N GLY A 92 6.86 5.27 -12.48
CA GLY A 92 8.07 4.95 -11.72
C GLY A 92 9.39 5.41 -12.26
N SER A 93 9.41 5.88 -13.50
CA SER A 93 10.68 6.28 -14.13
CA SER A 93 10.71 6.28 -14.07
C SER A 93 10.84 7.80 -14.28
N GLY A 94 12.01 8.21 -14.76
CA GLY A 94 12.29 9.61 -14.96
C GLY A 94 12.16 10.37 -13.66
N ASP A 95 11.64 11.59 -13.76
CA ASP A 95 11.37 12.49 -12.64
CA ASP A 95 11.40 12.39 -12.56
C ASP A 95 9.93 12.32 -12.15
N PHE A 96 9.32 11.18 -12.47
CA PHE A 96 7.98 10.85 -11.95
C PHE A 96 6.96 11.96 -12.33
N PRO A 97 6.92 12.37 -13.60
CA PRO A 97 6.16 13.58 -13.95
C PRO A 97 4.63 13.44 -14.07
N TYR A 98 4.12 12.21 -14.03
CA TYR A 98 2.71 11.96 -14.35
C TYR A 98 1.84 11.87 -13.12
N GLU A 99 0.98 12.87 -12.92
CA GLU A 99 -0.02 12.84 -11.87
C GLU A 99 -1.25 12.06 -12.36
N ILE A 100 -1.87 11.33 -11.45
CA ILE A 100 -2.95 10.41 -11.79
C ILE A 100 -4.07 10.47 -10.78
N ASP A 101 -5.30 10.51 -11.28
CA ASP A 101 -6.52 10.29 -10.50
C ASP A 101 -7.12 8.99 -11.00
N PHE A 102 -7.23 8.00 -10.12
CA PHE A 102 -7.73 6.68 -10.47
C PHE A 102 -8.88 6.31 -9.54
N ASP A 103 -10.03 6.02 -10.13
CA ASP A 103 -11.21 5.57 -9.39
CA ASP A 103 -11.19 5.56 -9.38
C ASP A 103 -11.58 4.18 -9.90
N GLY A 104 -11.44 3.17 -9.06
CA GLY A 104 -11.82 1.83 -9.43
C GLY A 104 -13.33 1.61 -9.45
N ASP A 105 -14.07 2.55 -8.88
CA ASP A 105 -15.53 2.46 -8.79
C ASP A 105 -15.99 1.10 -8.22
N SER A 106 -15.26 0.63 -7.20
CA SER A 106 -15.59 -0.59 -6.47
C SER A 106 -15.46 -1.86 -7.30
N HIS A 107 -14.53 -1.84 -8.24
CA HIS A 107 -14.15 -3.00 -9.01
C HIS A 107 -12.78 -3.52 -8.56
N VAL A 108 -12.46 -4.71 -9.05
CA VAL A 108 -11.18 -5.34 -8.75
C VAL A 108 -10.34 -5.51 -10.01
N ILE A 109 -9.03 -5.46 -9.82
CA ILE A 109 -8.01 -5.79 -10.80
C ILE A 109 -7.39 -7.11 -10.32
N LYS A 110 -7.54 -8.15 -11.10
CA LYS A 110 -7.10 -9.51 -10.74
C LYS A 110 -5.83 -9.89 -11.47
N ASN A 111 -4.99 -10.68 -10.79
CA ASN A 111 -3.84 -11.34 -11.43
C ASN A 111 -2.83 -10.35 -12.03
N PHE A 112 -2.71 -9.19 -11.40
CA PHE A 112 -1.70 -8.20 -11.77
C PHE A 112 -0.31 -8.67 -11.37
N LYS A 113 0.61 -8.66 -12.32
CA LYS A 113 2.01 -9.04 -12.07
C LYS A 113 2.93 -7.95 -12.56
N CYS A 114 3.98 -7.64 -11.78
CA CYS A 114 5.03 -6.75 -12.23
C CYS A 114 6.32 -7.06 -11.47
N SER A 115 7.38 -7.36 -12.22
CA SER A 115 8.70 -7.63 -11.64
C SER A 115 9.81 -7.08 -12.52
N ALA A 116 9.56 -5.95 -13.16
CA ALA A 116 10.52 -5.33 -14.06
C ALA A 116 10.30 -3.83 -14.07
N GLY A 117 11.35 -3.10 -14.41
CA GLY A 117 11.30 -1.63 -14.50
C GLY A 117 11.49 -0.98 -13.16
N ASP A 118 11.40 0.34 -13.16
CA ASP A 118 11.53 1.10 -11.92
CA ASP A 118 11.53 1.10 -11.92
C ASP A 118 10.28 0.97 -11.08
N TYR A 119 10.46 0.76 -9.79
CA TYR A 119 9.39 0.63 -8.81
C TYR A 119 8.25 -0.27 -9.27
N PRO A 120 8.56 -1.56 -9.45
CA PRO A 120 7.50 -2.51 -9.84
C PRO A 120 6.30 -2.46 -8.88
N SER A 121 5.13 -2.23 -9.44
CA SER A 121 3.91 -1.87 -8.78
C SER A 121 2.96 -1.33 -9.85
N PHE A 122 1.72 -1.00 -9.47
CA PHE A 122 0.79 -0.48 -10.44
C PHE A 122 1.22 0.92 -10.88
N PHE A 123 1.36 1.86 -9.93
CA PHE A 123 1.60 3.27 -10.22
C PHE A 123 3.09 3.65 -10.24
N GLY A 124 3.94 2.93 -9.48
CA GLY A 124 5.35 3.31 -9.35
C GLY A 124 5.54 4.41 -8.32
N VAL A 125 5.14 5.61 -8.70
CA VAL A 125 5.07 6.77 -7.81
C VAL A 125 3.70 7.40 -8.04
N LEU A 126 2.86 7.42 -7.01
CA LEU A 126 1.50 7.98 -7.12
C LEU A 126 1.47 9.41 -6.59
N CYS A 127 1.25 10.34 -7.51
CA CYS A 127 1.03 11.74 -7.23
C CYS A 127 -0.40 12.01 -7.68
N GLY A 128 -1.29 12.20 -6.71
CA GLY A 128 -2.74 12.21 -6.93
C GLY A 128 -3.45 11.26 -6.03
N ASP A 129 -4.43 10.57 -6.58
CA ASP A 129 -5.36 9.77 -5.77
C ASP A 129 -5.64 8.43 -6.44
N CYS A 130 -5.75 7.39 -5.63
CA CYS A 130 -6.29 6.12 -6.05
C CYS A 130 -7.36 5.75 -5.03
N ARG A 131 -8.56 5.44 -5.50
CA ARG A 131 -9.66 5.11 -4.62
CA ARG A 131 -9.70 5.16 -4.64
C ARG A 131 -10.52 4.00 -5.19
N ASN A 132 -11.15 3.28 -4.27
CA ASN A 132 -12.21 2.34 -4.62
C ASN A 132 -11.78 1.23 -5.60
N VAL A 133 -10.59 0.67 -5.39
CA VAL A 133 -10.14 -0.49 -6.17
C VAL A 133 -9.55 -1.56 -5.26
N GLY A 134 -9.78 -2.82 -5.63
CA GLY A 134 -9.08 -3.95 -5.04
C GLY A 134 -8.17 -4.61 -6.02
N PHE A 135 -7.02 -5.05 -5.54
CA PHE A 135 -6.11 -5.90 -6.31
C PHE A 135 -6.17 -7.30 -5.74
N VAL A 136 -6.64 -8.26 -6.53
CA VAL A 136 -6.77 -9.66 -6.10
C VAL A 136 -5.69 -10.50 -6.75
N ASN A 137 -4.93 -11.22 -5.91
CA ASN A 137 -3.86 -12.12 -6.40
CA ASN A 137 -3.87 -12.12 -6.38
C ASN A 137 -2.83 -11.38 -7.25
N ALA A 138 -2.41 -10.21 -6.77
CA ALA A 138 -1.33 -9.48 -7.37
C ALA A 138 -0.01 -10.13 -6.98
N SER A 139 1.01 -9.93 -7.81
CA SER A 139 2.37 -10.36 -7.46
CA SER A 139 2.37 -10.37 -7.50
C SER A 139 3.35 -9.34 -7.99
N VAL A 140 4.04 -8.65 -7.08
CA VAL A 140 5.03 -7.64 -7.44
CA VAL A 140 4.99 -7.64 -7.43
C VAL A 140 6.34 -7.99 -6.75
N SER A 141 7.45 -7.81 -7.45
CA SER A 141 8.76 -8.21 -6.94
CA SER A 141 8.74 -8.15 -6.87
C SER A 141 9.86 -7.27 -7.41
N SER A 142 10.80 -7.00 -6.52
CA SER A 142 12.03 -6.27 -6.87
C SER A 142 13.17 -6.79 -6.01
N ALA A 143 14.34 -6.98 -6.62
CA ALA A 143 15.59 -7.31 -5.89
C ALA A 143 16.36 -6.08 -5.49
N ARG A 144 15.90 -4.91 -5.88
CA ARG A 144 16.65 -3.66 -5.74
C ARG A 144 15.96 -2.48 -5.05
N GLN A 145 14.63 -2.45 -5.08
CA GLN A 145 13.86 -1.28 -4.65
C GLN A 145 12.75 -1.66 -3.68
N GLY A 146 12.33 -0.65 -2.93
CA GLY A 146 11.22 -0.77 -2.02
C GLY A 146 9.90 -0.56 -2.71
N ILE A 147 8.97 -1.50 -2.52
CA ILE A 147 7.75 -1.52 -3.31
C ILE A 147 6.54 -2.00 -2.50
N GLY A 148 5.37 -1.74 -3.07
CA GLY A 148 4.09 -2.28 -2.67
C GLY A 148 3.27 -2.60 -3.90
N ILE A 149 2.12 -3.27 -3.72
CA ILE A 149 1.31 -3.68 -4.87
C ILE A 149 0.78 -2.47 -5.62
N ILE A 150 0.17 -1.52 -4.90
CA ILE A 150 -0.44 -0.38 -5.58
C ILE A 150 0.61 0.63 -6.05
N THR A 151 1.64 0.88 -5.25
CA THR A 151 2.67 1.83 -5.64
C THR A 151 3.96 1.58 -4.89
N GLY A 152 5.04 2.06 -5.48
CA GLY A 152 6.34 2.11 -4.80
C GLY A 152 6.35 3.24 -3.79
N TYR A 153 6.30 4.48 -4.27
CA TYR A 153 6.08 5.66 -3.44
C TYR A 153 4.65 6.11 -3.55
N LEU A 154 4.07 6.45 -2.39
CA LEU A 154 2.81 7.16 -2.30
C LEU A 154 3.14 8.61 -1.92
N GLY A 155 3.02 9.49 -2.90
CA GLY A 155 3.52 10.83 -2.80
C GLY A 155 5.03 10.91 -2.94
N LEU A 156 5.51 12.13 -3.15
CA LEU A 156 6.94 12.43 -3.13
C LEU A 156 7.25 13.30 -1.93
N LYS A 157 8.47 13.22 -1.45
CA LYS A 157 8.84 13.88 -0.18
C LYS A 157 9.20 15.36 -0.40
N ASP A 158 8.59 16.23 0.39
CA ASP A 158 9.08 17.64 0.53
C ASP A 158 9.22 18.35 -0.83
N LYS A 159 8.17 18.28 -1.63
N LYS A 159 8.16 18.33 -1.65
CA LYS A 159 8.10 19.04 -2.85
CA LYS A 159 8.24 18.75 -3.07
C LYS A 159 7.43 20.39 -2.54
C LYS A 159 7.75 20.17 -3.38
N GLY A 160 7.55 21.30 -3.50
N GLY A 160 7.08 20.84 -2.44
CA GLY A 160 7.00 22.63 -3.35
CA GLY A 160 6.70 22.24 -2.66
C GLY A 160 5.55 22.71 -3.78
C GLY A 160 5.35 22.44 -3.35
N ASN A 161 5.05 21.64 -4.39
CA ASN A 161 3.76 21.63 -5.04
C ASN A 161 2.97 20.46 -4.46
N GLY A 162 1.87 20.78 -3.78
CA GLY A 162 1.02 19.79 -3.12
C GLY A 162 0.42 18.76 -4.05
N ASN A 163 0.43 19.04 -5.36
CA ASN A 163 -0.02 18.06 -6.34
C ASN A 163 0.89 16.84 -6.41
N LYS A 164 2.06 16.87 -5.73
CA LYS A 164 2.96 15.73 -5.66
C LYS A 164 2.74 14.83 -4.44
N THR A 165 1.80 15.18 -3.57
CA THR A 165 1.35 14.27 -2.51
C THR A 165 0.46 13.19 -3.15
N GLY A 166 0.24 12.12 -2.42
CA GLY A 166 -0.58 11.01 -2.91
C GLY A 166 -1.41 10.37 -1.83
N ARG A 167 -2.61 9.90 -2.21
CA ARG A 167 -3.54 9.29 -1.29
C ARG A 167 -4.11 8.01 -1.88
N ILE A 168 -4.25 6.99 -1.04
CA ILE A 168 -4.90 5.73 -1.38
C ILE A 168 -6.01 5.54 -0.38
N VAL A 169 -7.25 5.43 -0.85
CA VAL A 169 -8.44 5.43 0.00
CA VAL A 169 -8.42 5.37 0.03
C VAL A 169 -9.43 4.33 -0.48
N ASN A 170 -9.99 3.57 0.46
CA ASN A 170 -11.00 2.57 0.11
C ASN A 170 -10.46 1.55 -0.89
N CYS A 171 -9.25 1.06 -0.65
CA CYS A 171 -8.61 0.09 -1.52
C CYS A 171 -8.16 -1.13 -0.73
N TYR A 172 -7.88 -2.22 -1.44
CA TYR A 172 -7.31 -3.40 -0.82
C TYR A 172 -6.43 -4.15 -1.77
N THR A 173 -5.55 -4.96 -1.20
CA THR A 173 -4.69 -5.85 -1.95
C THR A 173 -4.61 -7.24 -1.34
N THR A 174 -4.47 -8.20 -2.22
CA THR A 174 -4.15 -9.60 -1.86
C THR A 174 -3.09 -10.10 -2.83
N GLY A 175 -2.36 -11.14 -2.42
CA GLY A 175 -1.29 -11.70 -3.23
C GLY A 175 0.06 -11.65 -2.53
N GLU A 176 1.08 -11.13 -3.22
CA GLU A 176 2.43 -11.13 -2.71
CA GLU A 176 2.46 -11.19 -2.76
C GLU A 176 3.24 -9.94 -3.16
N VAL A 177 4.07 -9.45 -2.23
CA VAL A 177 5.02 -8.39 -2.45
C VAL A 177 6.37 -8.88 -1.94
N ILE A 178 7.40 -8.76 -2.80
CA ILE A 178 8.79 -8.99 -2.43
C ILE A 178 9.56 -7.73 -2.80
N GLY A 179 10.11 -7.03 -1.82
CA GLY A 179 10.89 -5.83 -2.04
C GLY A 179 12.29 -5.95 -1.49
N SER A 180 13.07 -4.90 -1.73
CA SER A 180 14.43 -4.82 -1.21
C SER A 180 14.66 -3.39 -0.70
N GLY A 181 14.54 -3.22 0.61
CA GLY A 181 14.69 -1.91 1.24
C GLY A 181 13.40 -1.32 1.76
N ALA A 182 12.30 -1.71 1.13
CA ALA A 182 10.96 -1.51 1.74
C ALA A 182 10.02 -2.54 1.13
N ALA A 183 8.99 -2.92 1.87
CA ALA A 183 7.96 -3.78 1.34
C ALA A 183 6.69 -3.50 2.11
N GLY A 184 5.61 -3.20 1.39
CA GLY A 184 4.30 -3.03 2.02
C GLY A 184 3.19 -3.63 1.22
N GLY A 185 2.11 -4.03 1.91
CA GLY A 185 0.99 -4.61 1.18
C GLY A 185 0.33 -3.63 0.22
N ILE A 186 0.29 -2.36 0.62
CA ILE A 186 -0.29 -1.28 -0.20
C ILE A 186 0.79 -0.49 -0.94
N ALA A 187 1.73 0.09 -0.17
CA ALA A 187 2.78 0.96 -0.73
C ALA A 187 4.12 0.62 -0.13
N GLY A 188 5.18 0.77 -0.91
CA GLY A 188 6.53 0.61 -0.36
C GLY A 188 6.88 1.71 0.63
N VAL A 189 6.70 2.96 0.19
CA VAL A 189 7.07 4.14 0.94
C VAL A 189 5.93 5.16 0.90
N LEU A 190 5.50 5.62 2.07
CA LEU A 190 4.55 6.70 2.21
C LEU A 190 5.37 7.98 2.43
N ALA A 191 5.09 9.00 1.64
CA ALA A 191 5.72 10.30 1.79
C ALA A 191 4.86 11.21 2.68
N ASN A 192 4.88 12.52 2.47
CA ASN A 192 4.44 13.46 3.49
C ASN A 192 3.46 14.51 2.99
N SER A 193 3.30 15.58 3.75
CA SER A 193 2.24 16.55 3.54
C SER A 193 2.86 17.92 3.48
N TYR A 194 2.41 18.72 2.52
CA TYR A 194 2.95 20.07 2.28
C TYR A 194 2.02 20.79 1.30
N ASP A 195 2.14 22.12 1.27
CA ASP A 195 1.43 22.97 0.32
C ASP A 195 -0.07 22.68 0.28
N GLY A 196 -0.69 22.52 1.45
CA GLY A 196 -2.13 22.37 1.54
C GLY A 196 -2.71 21.01 1.23
N GLN A 197 -1.85 20.02 0.96
CA GLN A 197 -2.29 18.66 0.65
C GLN A 197 -1.56 17.67 1.53
N GLU A 198 -2.12 16.46 1.63
CA GLU A 198 -1.59 15.45 2.53
C GLU A 198 -1.41 14.13 1.82
N SER A 199 -0.39 13.38 2.21
CA SER A 199 -0.24 11.99 1.79
C SER A 199 -0.74 11.07 2.89
N TYR A 200 -1.60 10.11 2.52
CA TYR A 200 -2.17 9.19 3.49
C TYR A 200 -2.75 7.96 2.84
N ILE A 201 -2.91 6.94 3.69
CA ILE A 201 -3.61 5.70 3.36
C ILE A 201 -4.76 5.58 4.34
N LYS A 202 -5.99 5.44 3.83
CA LYS A 202 -7.18 5.46 4.66
CA LYS A 202 -7.16 5.43 4.70
C LYS A 202 -8.21 4.44 4.20
N ASN A 203 -8.80 3.70 5.15
CA ASN A 203 -9.85 2.73 4.83
C ASN A 203 -9.36 1.70 3.80
N CYS A 204 -8.25 1.08 4.13
CA CYS A 204 -7.64 0.04 3.31
C CYS A 204 -7.31 -1.20 4.10
N TYR A 205 -7.29 -2.34 3.44
CA TYR A 205 -6.74 -3.55 4.04
C TYR A 205 -5.87 -4.31 3.03
N SER A 206 -5.07 -5.23 3.57
CA SER A 206 -4.32 -6.15 2.75
C SER A 206 -4.23 -7.51 3.39
N ASN A 207 -4.28 -8.54 2.53
N ASN A 207 -4.29 -8.57 2.59
CA ASN A 207 -3.95 -9.91 2.87
CA ASN A 207 -3.80 -9.88 3.03
C ASN A 207 -2.72 -10.42 2.08
C ASN A 207 -2.69 -10.42 2.11
N ALA A 208 -1.94 -9.52 1.50
CA ALA A 208 -0.76 -9.95 0.76
C ALA A 208 0.34 -10.43 1.68
N THR A 209 1.10 -11.47 1.28
CA THR A 209 2.37 -11.78 1.94
CA THR A 209 2.39 -11.83 1.87
C THR A 209 3.35 -10.68 1.55
N VAL A 210 4.07 -10.16 2.54
CA VAL A 210 4.94 -9.01 2.36
C VAL A 210 6.32 -9.36 2.89
N SER A 211 7.35 -9.26 2.03
CA SER A 211 8.70 -9.66 2.39
CA SER A 211 8.71 -9.64 2.39
C SER A 211 9.70 -8.61 1.92
N ASP A 212 10.54 -8.13 2.83
CA ASP A 212 11.67 -7.29 2.48
C ASP A 212 12.94 -8.15 2.57
N ARG A 213 13.50 -8.48 1.40
CA ARG A 213 14.65 -9.37 1.30
C ARG A 213 15.97 -8.64 1.28
N ALA A 214 16.00 -7.34 1.60
CA ALA A 214 17.29 -6.62 1.71
C ALA A 214 18.21 -7.34 2.69
N ALA A 215 19.49 -7.39 2.34
CA ALA A 215 20.48 -8.02 3.23
C ALA A 215 20.62 -7.33 4.58
N SER A 216 20.33 -6.02 4.60
CA SER A 216 20.26 -5.25 5.83
CA SER A 216 20.34 -5.20 5.80
C SER A 216 19.34 -4.03 5.62
N GLY A 217 18.86 -3.47 6.71
CA GLY A 217 18.01 -2.31 6.63
C GLY A 217 16.61 -2.57 6.05
N GLY A 218 16.10 -3.78 6.19
CA GLY A 218 14.75 -4.09 5.75
C GLY A 218 13.71 -3.23 6.45
N LYS A 219 12.60 -2.99 5.76
CA LYS A 219 11.48 -2.16 6.24
C LYS A 219 10.20 -2.76 5.70
N ALA A 220 9.61 -3.70 6.44
CA ALA A 220 8.46 -4.47 5.98
C ALA A 220 7.23 -4.16 6.82
N GLY A 221 6.14 -3.78 6.16
CA GLY A 221 4.88 -3.48 6.85
C GLY A 221 3.68 -4.12 6.16
N GLY A 222 2.66 -4.44 6.94
CA GLY A 222 1.43 -4.99 6.38
C GLY A 222 0.79 -4.04 5.38
N ILE A 223 0.87 -2.73 5.68
CA ILE A 223 0.31 -1.67 4.84
C ILE A 223 1.40 -0.91 4.06
N ALA A 224 2.41 -0.38 4.75
CA ALA A 224 3.48 0.40 4.15
C ALA A 224 4.81 -0.07 4.72
N GLY A 225 5.85 -0.09 3.89
CA GLY A 225 7.17 -0.42 4.40
C GLY A 225 7.84 0.66 5.20
N ARG A 226 7.81 1.88 4.67
CA ARG A 226 8.62 2.98 5.16
C ARG A 226 7.82 4.27 5.09
N LYS A 227 8.08 5.17 6.02
CA LYS A 227 7.54 6.53 6.05
C LYS A 227 8.67 7.55 5.98
N VAL A 228 8.55 8.49 5.05
CA VAL A 228 9.49 9.58 4.88
C VAL A 228 8.79 10.93 5.05
N GLY A 229 9.58 11.95 5.40
CA GLY A 229 9.08 13.28 5.63
C GLY A 229 8.25 13.47 6.91
N VAL A 230 7.98 14.74 7.21
CA VAL A 230 7.14 15.16 8.30
C VAL A 230 5.73 15.42 7.76
N GLY A 231 4.74 14.89 8.47
CA GLY A 231 3.34 14.96 8.07
C GLY A 231 2.94 13.70 7.31
N GLY A 232 1.66 13.31 7.41
CA GLY A 232 1.10 12.14 6.74
C GLY A 232 0.66 11.11 7.71
N PHE A 233 -0.23 10.25 7.27
CA PHE A 233 -0.88 9.32 8.20
C PHE A 233 -1.41 8.07 7.55
N ILE A 234 -1.71 7.11 8.41
CA ILE A 234 -2.44 5.89 8.07
C ILE A 234 -3.62 5.83 9.04
N GLU A 235 -4.84 5.64 8.51
CA GLU A 235 -6.07 5.67 9.29
CA GLU A 235 -6.06 5.62 9.34
C GLU A 235 -7.02 4.57 8.80
N ASN A 236 -7.70 3.88 9.71
CA ASN A 236 -8.71 2.90 9.35
CA ASN A 236 -8.73 2.93 9.32
C ASN A 236 -8.16 1.84 8.41
N CYS A 237 -7.00 1.31 8.75
CA CYS A 237 -6.39 0.23 7.96
C CYS A 237 -6.10 -0.98 8.81
N TYR A 238 -6.15 -2.15 8.18
CA TYR A 238 -5.67 -3.38 8.80
C TYR A 238 -5.05 -4.31 7.79
N ALA A 239 -4.25 -5.26 8.26
CA ALA A 239 -3.63 -6.24 7.41
C ALA A 239 -3.63 -7.60 8.07
N TYR A 240 -3.64 -8.64 7.24
CA TYR A 240 -3.56 -10.00 7.75
C TYR A 240 -2.69 -10.94 6.96
N GLY A 241 -2.00 -10.44 5.93
CA GLY A 241 -0.97 -11.28 5.30
C GLY A 241 0.34 -11.36 6.10
N ALA A 242 1.06 -12.45 6.01
CA ALA A 242 2.34 -12.61 6.73
C ALA A 242 3.35 -11.55 6.29
N VAL A 243 4.02 -10.92 7.25
CA VAL A 243 4.99 -9.84 6.98
C VAL A 243 6.34 -10.29 7.51
N SER A 244 7.39 -10.15 6.71
CA SER A 244 8.72 -10.55 7.13
C SER A 244 9.83 -9.70 6.52
N ALA A 245 10.98 -9.70 7.20
CA ALA A 245 12.20 -9.10 6.67
C ALA A 245 13.36 -10.05 6.95
N THR A 246 14.27 -10.17 5.99
CA THR A 246 15.51 -10.92 6.19
C THR A 246 16.35 -10.34 7.33
N LYS A 247 16.47 -9.01 7.38
CA LYS A 247 17.29 -8.33 8.39
C LYS A 247 16.85 -6.87 8.41
N GLY A 248 16.00 -6.55 9.37
CA GLY A 248 15.51 -5.19 9.53
C GLY A 248 14.29 -5.13 10.41
N GLY A 249 13.46 -4.14 10.13
CA GLY A 249 12.26 -3.86 10.89
C GLY A 249 11.02 -4.43 10.23
N VAL A 250 10.13 -4.95 11.05
CA VAL A 250 8.87 -5.52 10.64
C VAL A 250 7.78 -4.93 11.50
N GLY A 251 6.73 -4.43 10.85
CA GLY A 251 5.55 -3.95 11.55
C GLY A 251 4.28 -4.48 10.94
N GLY A 252 3.25 -4.69 11.77
CA GLY A 252 1.96 -5.13 11.26
C GLY A 252 1.31 -4.09 10.36
N ILE A 253 1.58 -2.82 10.61
CA ILE A 253 1.11 -1.72 9.78
C ILE A 253 2.26 -1.10 8.98
N LEU A 254 3.31 -0.68 9.68
CA LEU A 254 4.40 0.11 9.10
C LEU A 254 5.73 -0.49 9.52
N GLY A 255 6.66 -0.69 8.57
CA GLY A 255 8.01 -1.14 8.93
C GLY A 255 8.83 -0.12 9.70
N GLN A 256 9.04 1.04 9.10
CA GLN A 256 9.97 2.04 9.59
C GLN A 256 9.49 3.46 9.42
N ILE A 257 9.69 4.28 10.43
CA ILE A 257 9.67 5.74 10.30
C ILE A 257 11.13 6.19 10.17
N ASP A 258 11.44 6.94 9.11
CA ASP A 258 12.81 7.48 9.00
C ASP A 258 13.14 8.43 10.16
N LYS A 259 14.43 8.51 10.48
CA LYS A 259 14.89 9.51 11.43
C LYS A 259 14.49 10.91 10.98
N SER A 260 14.13 11.72 11.95
CA SER A 260 13.70 13.11 11.73
C SER A 260 12.39 13.26 10.99
N CYS A 261 11.63 12.15 10.91
CA CYS A 261 10.34 12.13 10.21
C CYS A 261 9.25 11.74 11.20
N ASP A 262 8.01 11.67 10.74
CA ASP A 262 6.93 11.31 11.65
C ASP A 262 5.80 10.63 10.87
N ILE A 263 4.80 10.19 11.63
CA ILE A 263 3.55 9.68 11.12
C ILE A 263 2.53 9.75 12.23
N ALA A 264 1.26 9.75 11.85
CA ALA A 264 0.15 9.40 12.75
C ALA A 264 -0.45 8.10 12.21
N ILE A 265 -0.68 7.17 13.12
CA ILE A 265 -1.44 5.94 12.80
C ILE A 265 -2.59 5.90 13.80
N LYS A 266 -3.81 5.90 13.26
CA LYS A 266 -5.03 6.01 14.05
CA LYS A 266 -5.03 6.05 14.03
C LYS A 266 -6.03 4.97 13.59
N ASN A 267 -6.74 4.37 14.53
CA ASN A 267 -7.83 3.46 14.22
C ASN A 267 -7.40 2.42 13.20
N SER A 268 -6.41 1.63 13.59
CA SER A 268 -5.79 0.62 12.74
C SER A 268 -5.51 -0.63 13.51
N ALA A 269 -5.32 -1.74 12.79
CA ALA A 269 -5.13 -3.03 13.46
C ALA A 269 -4.18 -3.95 12.71
N ALA A 270 -3.35 -4.67 13.47
CA ALA A 270 -2.45 -5.68 12.94
C ALA A 270 -3.06 -7.05 13.16
N TRP A 271 -3.14 -7.82 12.09
CA TRP A 271 -3.66 -9.19 12.15
C TRP A 271 -2.79 -10.13 11.34
N SER A 272 -1.50 -9.79 11.21
CA SER A 272 -0.52 -10.57 10.47
C SER A 272 0.47 -11.24 11.42
N ASN A 273 0.93 -12.43 11.06
CA ASN A 273 2.13 -13.00 11.67
C ASN A 273 3.37 -12.26 11.15
N LEU A 274 4.30 -11.96 12.06
CA LEU A 274 5.42 -11.05 11.80
C LEU A 274 6.72 -11.76 12.13
N THR A 275 7.64 -11.77 11.16
CA THR A 275 8.89 -12.51 11.27
C THR A 275 10.11 -11.68 10.85
N GLY A 276 11.04 -11.48 11.78
CA GLY A 276 12.37 -10.95 11.46
C GLY A 276 13.31 -12.12 11.47
N VAL A 277 13.98 -12.39 10.34
CA VAL A 277 14.83 -13.59 10.25
C VAL A 277 16.12 -13.44 11.05
N ASP A 278 16.89 -12.40 10.76
CA ASP A 278 18.13 -12.14 11.50
C ASP A 278 17.84 -11.74 12.94
N ALA A 279 18.71 -12.15 13.85
CA ALA A 279 18.60 -11.78 15.27
C ALA A 279 18.62 -10.27 15.55
N SER A 280 19.19 -9.47 14.64
CA SER A 280 19.26 -8.03 14.80
C SER A 280 17.95 -7.35 14.40
N SER A 281 16.99 -8.12 13.90
CA SER A 281 15.69 -7.58 13.49
C SER A 281 14.89 -7.02 14.66
N THR A 282 13.99 -6.10 14.34
CA THR A 282 13.03 -5.57 15.31
C THR A 282 11.63 -5.84 14.76
N VAL A 283 10.74 -6.29 15.63
CA VAL A 283 9.37 -6.62 15.27
C VAL A 283 8.41 -5.89 16.19
N GLY A 284 7.54 -5.09 15.60
CA GLY A 284 6.50 -4.36 16.35
C GLY A 284 5.14 -4.76 15.82
N ARG A 285 4.17 -5.00 16.69
CA ARG A 285 2.86 -5.40 16.18
C ARG A 285 2.34 -4.32 15.22
N ILE A 286 2.58 -3.04 15.54
CA ILE A 286 2.13 -1.94 14.66
C ILE A 286 3.29 -1.38 13.81
N VAL A 287 4.35 -0.93 14.48
CA VAL A 287 5.50 -0.26 13.84
C VAL A 287 6.79 -0.93 14.28
N GLY A 288 7.69 -1.18 13.32
CA GLY A 288 8.96 -1.89 13.60
C GLY A 288 10.21 -1.11 13.96
N VAL A 289 10.33 0.14 13.50
CA VAL A 289 11.55 0.92 13.68
C VAL A 289 11.24 2.39 13.90
N SER A 290 11.94 2.99 14.88
CA SER A 290 11.79 4.40 15.24
C SER A 290 10.34 4.74 15.53
N ALA A 291 9.63 3.80 16.18
CA ALA A 291 8.21 3.98 16.45
C ALA A 291 7.91 5.19 17.33
N SER A 292 8.87 5.57 18.19
CA SER A 292 8.68 6.73 19.08
C SER A 292 8.50 8.05 18.35
N LEU A 293 8.81 8.06 17.05
CA LEU A 293 8.62 9.25 16.22
C LEU A 293 7.17 9.40 15.75
N GLY A 294 6.36 8.37 15.95
CA GLY A 294 4.97 8.40 15.59
C GLY A 294 4.01 8.78 16.71
N SER A 295 2.81 9.17 16.29
CA SER A 295 1.70 9.51 17.16
CA SER A 295 1.70 9.51 17.16
C SER A 295 0.56 8.53 16.89
N TYR A 296 0.05 7.91 17.93
CA TYR A 296 -0.86 6.79 17.77
C TYR A 296 -2.14 6.97 18.54
N GLU A 297 -3.23 6.45 17.97
CA GLU A 297 -4.52 6.43 18.66
C GLU A 297 -5.25 5.18 18.20
N ASN A 298 -5.85 4.44 19.12
CA ASN A 298 -6.72 3.31 18.77
C ASN A 298 -6.06 2.34 17.79
N CYS A 299 -4.88 1.83 18.20
CA CYS A 299 -4.14 0.85 17.42
C CYS A 299 -4.18 -0.49 18.14
N TYR A 300 -4.63 -1.52 17.43
CA TYR A 300 -4.89 -2.85 17.97
C TYR A 300 -4.11 -3.91 17.26
N ALA A 301 -4.01 -5.07 17.88
CA ALA A 301 -3.41 -6.24 17.26
C ALA A 301 -4.16 -7.47 17.70
N CYS A 302 -4.40 -8.42 16.79
CA CYS A 302 -5.05 -9.64 17.23
CA CYS A 302 -5.01 -9.68 17.17
C CYS A 302 -4.15 -10.40 18.20
N GLU A 303 -4.77 -10.89 19.28
CA GLU A 303 -4.06 -11.58 20.36
C GLU A 303 -3.36 -12.85 19.88
N SER A 304 -3.80 -13.40 18.74
CA SER A 304 -3.26 -14.67 18.26
C SER A 304 -2.16 -14.56 17.21
N ILE A 305 -1.76 -13.33 16.84
CA ILE A 305 -0.66 -13.23 15.86
C ILE A 305 0.63 -13.77 16.50
N VAL A 306 1.50 -14.30 15.65
CA VAL A 306 2.79 -14.87 16.09
C VAL A 306 3.90 -13.93 15.63
N LEU A 307 4.74 -13.53 16.59
CA LEU A 307 5.88 -12.65 16.37
CA LEU A 307 5.87 -12.65 16.39
C LEU A 307 7.14 -13.50 16.62
N LYS A 308 8.07 -13.45 15.66
CA LYS A 308 9.32 -14.21 15.73
C LYS A 308 10.50 -13.37 15.30
N VAL A 309 11.60 -13.53 16.04
CA VAL A 309 12.90 -12.98 15.68
C VAL A 309 13.90 -14.13 15.79
N ASN A 310 14.62 -14.42 14.73
CA ASN A 310 15.60 -15.53 14.72
C ASN A 310 15.00 -16.85 15.21
N GLU A 311 13.79 -17.13 14.70
CA GLU A 311 13.01 -18.34 15.00
C GLU A 311 12.48 -18.46 16.45
N LYS A 312 12.71 -17.46 17.29
CA LYS A 312 12.26 -17.46 18.67
C LYS A 312 11.00 -16.63 18.73
N THR A 313 9.96 -17.17 19.36
CA THR A 313 8.72 -16.42 19.59
CA THR A 313 8.73 -16.40 19.55
C THR A 313 8.95 -15.31 20.59
N ILE A 314 8.45 -14.11 20.30
CA ILE A 314 8.54 -12.91 21.11
CA ILE A 314 8.57 -13.01 21.23
C ILE A 314 7.17 -12.62 21.68
N THR A 315 7.13 -12.14 22.91
N THR A 315 7.06 -12.08 22.90
CA THR A 315 5.93 -11.60 23.51
CA THR A 315 5.76 -11.71 23.49
C THR A 315 5.92 -10.11 23.23
C THR A 315 5.65 -10.20 23.76
N ALA A 316 4.73 -9.56 23.08
CA ALA A 316 4.56 -8.11 23.04
C ALA A 316 3.61 -7.65 24.11
N SER A 317 3.94 -6.53 24.73
CA SER A 317 3.12 -5.94 25.79
CA SER A 317 3.09 -5.97 25.78
C SER A 317 2.22 -4.85 25.21
N ASP A 318 1.03 -4.72 25.77
CA ASP A 318 0.11 -3.66 25.36
C ASP A 318 0.66 -2.26 25.65
N GLU A 319 0.48 -1.35 24.71
CA GLU A 319 0.86 0.05 24.87
C GLU A 319 0.07 0.87 23.86
N SER A 320 -0.13 2.14 24.17
CA SER A 320 -0.87 3.06 23.29
C SER A 320 0.00 4.21 22.75
N SER A 321 1.26 4.28 23.24
CA SER A 321 2.26 5.14 22.64
CA SER A 321 2.29 5.16 22.70
C SER A 321 3.56 4.34 22.64
N ALA A 322 4.51 4.80 21.86
CA ALA A 322 5.81 4.17 21.74
C ALA A 322 6.87 5.07 22.39
N THR A 323 7.65 4.44 23.25
CA THR A 323 8.80 5.11 23.87
CA THR A 323 8.80 5.03 23.94
C THR A 323 10.13 4.74 23.22
N GLY A 324 10.15 3.65 22.44
CA GLY A 324 11.37 3.15 21.82
C GLY A 324 11.18 2.76 20.38
N THR A 325 11.86 1.68 19.97
CA THR A 325 11.98 1.31 18.57
CA THR A 325 11.94 1.42 18.53
C THR A 325 10.66 0.81 17.97
N THR A 326 9.95 0.00 18.76
CA THR A 326 8.74 -0.64 18.28
C THR A 326 7.51 -0.08 18.94
N PHE A 327 6.37 -0.26 18.27
CA PHE A 327 5.07 0.06 18.86
C PHE A 327 4.16 -1.13 18.65
N HIS A 328 3.54 -1.62 19.75
CA HIS A 328 2.77 -2.85 19.71
C HIS A 328 1.25 -2.66 19.76
N GLY A 329 0.77 -1.45 20.09
CA GLY A 329 -0.68 -1.30 20.24
C GLY A 329 -1.24 -2.20 21.35
N VAL A 330 -2.55 -2.39 21.32
CA VAL A 330 -3.29 -3.12 22.35
C VAL A 330 -3.92 -4.39 21.77
N ALA A 331 -3.72 -5.52 22.42
CA ALA A 331 -4.28 -6.77 21.96
C ALA A 331 -5.82 -6.82 22.06
N LYS A 332 -6.43 -7.44 21.05
CA LYS A 332 -7.85 -7.71 20.99
C LYS A 332 -8.11 -9.11 20.45
N SER A 333 -9.27 -9.67 20.80
CA SER A 333 -9.71 -10.93 20.21
C SER A 333 -10.13 -10.72 18.77
N ALA A 334 -10.25 -11.82 18.04
CA ALA A 334 -10.78 -11.78 16.67
C ALA A 334 -12.17 -11.15 16.65
N GLU A 335 -13.04 -11.56 17.61
CA GLU A 335 -14.40 -11.06 17.64
C GLU A 335 -14.42 -9.56 17.90
N GLU A 336 -13.61 -9.12 18.87
CA GLU A 336 -13.48 -7.68 19.14
C GLU A 336 -12.99 -6.90 17.93
N LEU A 337 -11.96 -7.42 17.28
CA LEU A 337 -11.41 -6.73 16.09
C LEU A 337 -12.40 -6.61 14.96
N GLY A 338 -13.21 -7.64 14.76
CA GLY A 338 -14.25 -7.56 13.74
C GLY A 338 -15.20 -6.41 14.01
N ASN A 339 -15.63 -6.26 15.26
CA ASN A 339 -16.47 -5.12 15.71
CA ASN A 339 -16.50 -5.17 15.59
C ASN A 339 -15.80 -3.81 15.46
N ILE A 340 -14.54 -3.73 15.87
CA ILE A 340 -13.79 -2.49 15.80
C ILE A 340 -13.64 -2.03 14.35
N ILE A 341 -13.20 -2.95 13.49
CA ILE A 341 -12.90 -2.65 12.09
C ILE A 341 -14.18 -2.22 11.34
N VAL A 342 -15.27 -2.96 11.50
CA VAL A 342 -16.50 -2.60 10.80
C VAL A 342 -16.98 -1.21 11.24
N ALA A 343 -16.84 -0.89 12.52
CA ALA A 343 -17.24 0.42 13.04
C ALA A 343 -16.45 1.61 12.46
N TRP A 344 -15.29 1.36 11.89
CA TRP A 344 -14.56 2.40 11.17
C TRP A 344 -15.38 3.08 10.09
N ASN A 345 -16.18 2.29 9.36
CA ASN A 345 -17.13 2.82 8.40
C ASN A 345 -18.08 1.70 8.00
N PRO A 346 -19.24 1.62 8.67
CA PRO A 346 -20.18 0.53 8.42
C PRO A 346 -20.80 0.52 7.01
N ASN A 347 -20.70 1.64 6.30
CA ASN A 347 -21.12 1.69 4.88
C ASN A 347 -20.13 1.04 3.92
N LEU A 348 -18.89 0.83 4.37
CA LEU A 348 -17.80 0.27 3.56
C LEU A 348 -17.47 -1.15 3.98
N TRP A 349 -17.24 -1.32 5.28
CA TRP A 349 -16.73 -2.57 5.82
C TRP A 349 -17.88 -3.53 6.15
N LYS A 350 -17.59 -4.83 6.07
CA LYS A 350 -18.49 -5.88 6.57
C LYS A 350 -17.69 -7.02 7.15
N LYS A 351 -18.32 -7.82 8.01
CA LYS A 351 -17.67 -8.99 8.53
C LYS A 351 -17.61 -10.03 7.42
N GLY A 352 -16.48 -10.72 7.32
CA GLY A 352 -16.31 -11.77 6.35
C GLY A 352 -16.70 -13.08 7.01
N THR A 353 -17.02 -14.06 6.19
CA THR A 353 -17.53 -15.35 6.70
C THR A 353 -16.46 -16.11 7.54
N ASN A 354 -15.17 -15.88 7.23
CA ASN A 354 -14.05 -16.45 7.99
C ASN A 354 -13.50 -15.56 9.13
N GLY A 355 -14.22 -14.50 9.49
CA GLY A 355 -13.80 -13.65 10.61
C GLY A 355 -13.05 -12.41 10.20
N TYR A 356 -12.48 -12.40 8.98
CA TYR A 356 -11.70 -11.24 8.55
C TYR A 356 -12.61 -10.24 7.85
N PRO A 357 -12.66 -8.99 8.34
CA PRO A 357 -13.47 -7.99 7.66
C PRO A 357 -12.96 -7.67 6.25
N ILE A 358 -13.90 -7.37 5.37
CA ILE A 358 -13.63 -7.00 3.99
C ILE A 358 -14.55 -5.83 3.62
N PHE A 359 -14.55 -5.40 2.38
CA PHE A 359 -15.48 -4.38 1.97
C PHE A 359 -16.75 -5.03 1.50
N GLN A 360 -17.81 -4.24 1.49
CA GLN A 360 -19.10 -4.73 1.00
C GLN A 360 -19.02 -5.14 -0.46
N TRP A 361 -18.10 -4.53 -1.22
CA TRP A 361 -17.88 -4.81 -2.64
C TRP A 361 -16.66 -5.70 -2.95
N SER A 362 -15.96 -6.18 -1.93
CA SER A 362 -14.81 -7.06 -2.15
C SER A 362 -15.24 -8.32 -2.87
N GLU A 363 -14.38 -8.77 -3.78
CA GLU A 363 -14.62 -10.03 -4.46
C GLU A 363 -14.63 -11.18 -3.44
#